data_8SQF
#
_entry.id   8SQF
#
_cell.length_a   123.083
_cell.length_b   123.083
_cell.length_c   161.759
_cell.angle_alpha   90.000
_cell.angle_beta   90.000
_cell.angle_gamma   120.000
#
_symmetry.space_group_name_H-M   'P 65 2 2'
#
loop_
_entity.id
_entity.type
_entity.pdbx_description
1 polymer Beta-lactamase
2 non-polymer "(1M)-3'-(benzyloxy)-5-hydroxy[1,1'-biphenyl]-3,4'-dicarboxylic acid"
3 non-polymer 'BICARBONATE ION'
4 water water
#
_entity_poly.entity_id   1
_entity_poly.type   'polypeptide(L)'
_entity_poly.pdbx_seq_one_letter_code
;MRVLALSAVFLVASIIGMPAVAKEWQENKSWNAHFTEHKSQGVVVLWNENKQQGFTNNLKRANQAFLPASTF(KCX)IPN
SLIALDLGVVKDEHQVFKWDGQTRDIATWNRDHNLITAMKYSVVPVYQEFARQIGEARMSKMLHAFDYGNEDISGNVDSF
WLDGGIRISATEQISFLRKLYHNKLHVSERSQRIVKQAMLTEANGDYIIRAKTGYSTRIEPKIGWWVGWVELDDNVWFFA
MNMDMPTSDGLGLRQAITKEVLKQEKIIP
;
_entity_poly.pdbx_strand_id   B,A
#
loop_
_chem_comp.id
_chem_comp.type
_chem_comp.name
_chem_comp.formula
BCT non-polymer 'BICARBONATE ION' 'C H O3 -1'
WIP non-polymer '(1M)-3'-(benzyloxy)-5-hydroxy[1,1'-biphenyl]-3,4'-dicarboxylic acid' 'C21 H16 O6'
#
# COMPACT_ATOMS: atom_id res chain seq x y z
N LYS A 23 -18.22 29.55 26.07
CA LYS A 23 -16.76 29.40 26.12
C LYS A 23 -16.34 27.95 26.37
N GLU A 24 -16.68 27.05 25.46
CA GLU A 24 -16.41 25.64 25.61
C GLU A 24 -15.03 25.23 25.10
N TRP A 25 -14.33 26.10 24.37
CA TRP A 25 -12.96 25.83 23.96
C TRP A 25 -12.10 27.04 24.30
N GLN A 26 -10.85 26.78 24.66
CA GLN A 26 -9.96 27.84 25.14
C GLN A 26 -8.54 27.44 24.80
N GLU A 27 -7.75 28.40 24.33
CA GLU A 27 -6.37 28.14 23.98
C GLU A 27 -5.46 28.49 25.15
N ASN A 28 -4.37 27.74 25.29
CA ASN A 28 -3.41 27.95 26.36
C ASN A 28 -2.02 27.63 25.80
N LYS A 29 -1.30 28.68 25.38
CA LYS A 29 0.00 28.55 24.73
C LYS A 29 1.16 28.24 25.68
N SER A 30 0.92 28.22 27.00
CA SER A 30 2.00 27.91 27.93
C SER A 30 2.49 26.46 27.79
N TRP A 31 1.62 25.54 27.34
CA TRP A 31 2.04 24.15 27.17
C TRP A 31 3.09 24.00 26.08
N ASN A 32 3.18 24.97 25.16
CA ASN A 32 4.19 24.90 24.10
C ASN A 32 5.60 24.78 24.67
N ALA A 33 5.80 25.27 25.90
CA ALA A 33 7.10 25.14 26.54
C ALA A 33 7.54 23.69 26.63
N HIS A 34 6.60 22.77 26.79
CA HIS A 34 6.96 21.36 26.97
C HIS A 34 7.42 20.73 25.67
N PHE A 35 6.73 21.07 24.56
CA PHE A 35 7.21 20.66 23.25
C PHE A 35 8.57 21.25 22.96
N THR A 36 8.76 22.54 23.28
CA THR A 36 10.03 23.21 22.96
C THR A 36 11.18 22.59 23.73
N GLU A 37 11.00 22.38 25.04
CA GLU A 37 12.04 21.76 25.86
C GLU A 37 12.54 20.46 25.26
N HIS A 38 11.69 19.77 24.47
CA HIS A 38 12.03 18.49 23.89
C HIS A 38 12.31 18.58 22.39
N LYS A 39 12.47 19.79 21.86
CA LYS A 39 12.77 20.01 20.44
C LYS A 39 11.69 19.35 19.56
N SER A 40 10.44 19.74 19.79
CA SER A 40 9.31 19.02 19.21
C SER A 40 8.21 19.99 18.85
N GLN A 41 7.33 19.54 17.95
CA GLN A 41 6.11 20.25 17.59
C GLN A 41 4.92 19.31 17.73
N GLY A 42 3.81 19.82 18.25
CA GLY A 42 2.58 19.05 18.24
C GLY A 42 1.45 19.79 18.93
N VAL A 43 0.38 19.06 19.22
CA VAL A 43 -0.83 19.59 19.84
C VAL A 43 -1.30 18.62 20.92
N VAL A 44 -1.73 19.19 22.05
CA VAL A 44 -2.39 18.44 23.13
C VAL A 44 -3.78 19.01 23.35
N VAL A 45 -4.80 18.16 23.35
CA VAL A 45 -6.19 18.56 23.56
C VAL A 45 -6.72 17.87 24.81
N LEU A 46 -7.27 18.66 25.74
CA LEU A 46 -7.88 18.17 26.98
C LEU A 46 -9.34 18.57 27.05
N TRP A 47 -10.16 17.67 27.62
CA TRP A 47 -11.58 17.93 27.81
C TRP A 47 -11.98 17.52 29.24
N ASN A 48 -12.36 18.52 30.04
CA ASN A 48 -12.90 18.30 31.39
C ASN A 48 -14.36 17.89 31.27
N GLU A 49 -14.68 16.68 31.74
CA GLU A 49 -16.03 16.18 31.52
C GLU A 49 -17.03 16.88 32.43
N ASN A 50 -16.65 17.13 33.68
CA ASN A 50 -17.56 17.79 34.61
C ASN A 50 -17.92 19.19 34.13
N LYS A 51 -16.91 20.03 33.87
CA LYS A 51 -17.12 21.39 33.41
C LYS A 51 -17.59 21.49 31.95
N GLN A 52 -17.53 20.41 31.18
CA GLN A 52 -17.87 20.43 29.75
C GLN A 52 -17.11 21.56 29.04
N GLN A 53 -15.81 21.64 29.32
CA GLN A 53 -14.90 22.64 28.76
C GLN A 53 -13.68 21.95 28.18
N GLY A 54 -13.19 22.47 27.04
CA GLY A 54 -11.94 22.03 26.42
C GLY A 54 -10.76 23.00 26.50
N PHE A 55 -9.55 22.50 26.27
CA PHE A 55 -8.32 23.30 26.34
C PHE A 55 -7.30 22.70 25.38
N THR A 56 -6.52 23.57 24.71
CA THR A 56 -5.41 23.08 23.87
C THR A 56 -4.43 24.21 23.56
N ASN A 57 -3.19 23.81 23.24
CA ASN A 57 -2.12 24.75 22.95
C ASN A 57 -2.08 25.20 21.48
N ASN A 58 -3.02 24.76 20.64
CA ASN A 58 -3.03 25.14 19.23
C ASN A 58 -4.38 24.77 18.62
N LEU A 59 -5.31 25.71 18.63
CA LEU A 59 -6.68 25.42 18.19
C LEU A 59 -6.73 24.94 16.74
N LYS A 60 -5.83 25.44 15.88
CA LYS A 60 -5.91 25.07 14.47
C LYS A 60 -5.42 23.64 14.24
N ARG A 61 -4.25 23.29 14.77
CA ARG A 61 -3.77 21.90 14.63
C ARG A 61 -4.75 20.90 15.25
N ALA A 62 -5.45 21.27 16.33
CA ALA A 62 -6.41 20.39 17.01
C ALA A 62 -7.60 20.02 16.13
N ASN A 63 -7.88 20.79 15.09
CA ASN A 63 -8.99 20.45 14.20
C ASN A 63 -8.51 20.01 12.82
N GLN A 64 -7.20 19.82 12.65
CA GLN A 64 -6.63 19.28 11.42
C GLN A 64 -6.61 17.76 11.46
N ALA A 65 -7.01 17.15 10.35
CA ALA A 65 -7.26 15.72 10.30
C ALA A 65 -6.02 15.00 9.78
N PHE A 66 -5.64 13.91 10.45
CA PHE A 66 -4.48 13.11 10.11
C PHE A 66 -4.91 11.65 9.97
N LEU A 67 -4.00 10.83 9.44
CA LEU A 67 -4.26 9.39 9.43
C LEU A 67 -4.33 8.89 10.88
N PRO A 68 -5.34 8.08 11.24
CA PRO A 68 -5.42 7.59 12.62
C PRO A 68 -4.30 6.64 12.98
N ALA A 69 -3.71 5.95 12.01
CA ALA A 69 -2.72 4.90 12.27
C ALA A 69 -3.29 3.93 13.32
N SER A 70 -2.48 3.47 14.29
CA SER A 70 -2.96 2.40 15.15
C SER A 70 -3.99 2.84 16.18
N THR A 71 -4.25 4.16 16.35
CA THR A 71 -5.40 4.53 17.17
C THR A 71 -6.68 4.03 16.53
N PHE A 72 -6.64 3.63 15.26
CA PHE A 72 -7.81 3.07 14.63
C PHE A 72 -8.13 1.68 15.25
N KCX A 73 -7.25 1.14 16.09
CA KCX A 73 -7.53 -0.16 16.67
CB KCX A 73 -6.28 -0.73 17.37
CG KCX A 73 -5.21 -1.24 16.35
CD KCX A 73 -4.01 -2.00 16.97
CE KCX A 73 -3.07 -2.58 15.91
NZ KCX A 73 -2.62 -1.50 14.96
C KCX A 73 -8.73 -0.12 17.64
O KCX A 73 -9.31 -1.15 17.93
CX KCX A 73 -3.13 -1.24 13.74
OQ1 KCX A 73 -4.05 -1.89 13.22
OQ2 KCX A 73 -2.70 -0.29 13.07
N ILE A 74 -9.11 1.08 18.10
CA ILE A 74 -10.27 1.24 18.99
C ILE A 74 -11.55 0.96 18.21
N PRO A 75 -11.87 1.72 17.14
CA PRO A 75 -13.06 1.33 16.34
C PRO A 75 -12.93 -0.03 15.69
N ASN A 76 -11.75 -0.39 15.17
CA ASN A 76 -11.60 -1.71 14.56
C ASN A 76 -11.96 -2.81 15.57
N SER A 77 -11.54 -2.66 16.83
CA SER A 77 -11.91 -3.63 17.85
C SER A 77 -13.41 -3.68 18.07
N LEU A 78 -14.05 -2.51 18.27
CA LEU A 78 -15.49 -2.46 18.51
C LEU A 78 -16.26 -3.18 17.40
N ILE A 79 -15.87 -2.97 16.14
CA ILE A 79 -16.58 -3.55 15.01
C ILE A 79 -16.33 -5.06 14.93
N ALA A 80 -15.09 -5.51 15.13
CA ALA A 80 -14.84 -6.95 15.09
C ALA A 80 -15.65 -7.68 16.15
N LEU A 81 -15.83 -7.07 17.33
CA LEU A 81 -16.52 -7.71 18.44
C LEU A 81 -18.02 -7.77 18.21
N ASP A 82 -18.63 -6.65 17.78
CA ASP A 82 -20.08 -6.64 17.57
C ASP A 82 -20.49 -7.61 16.47
N LEU A 83 -19.68 -7.73 15.42
CA LEU A 83 -20.00 -8.63 14.31
C LEU A 83 -19.63 -10.08 14.60
N GLY A 84 -19.04 -10.36 15.75
CA GLY A 84 -18.67 -11.72 16.07
C GLY A 84 -17.43 -12.24 15.37
N VAL A 85 -16.74 -11.41 14.57
CA VAL A 85 -15.41 -11.78 14.07
C VAL A 85 -14.50 -12.17 15.22
N VAL A 86 -14.55 -11.42 16.31
CA VAL A 86 -13.82 -11.75 17.54
C VAL A 86 -14.85 -12.15 18.59
N LYS A 87 -14.65 -13.32 19.21
CA LYS A 87 -15.64 -13.85 20.14
C LYS A 87 -15.58 -13.14 21.49
N ASP A 88 -14.38 -12.92 22.03
CA ASP A 88 -14.20 -12.14 23.25
C ASP A 88 -12.71 -11.84 23.40
N GLU A 89 -12.32 -11.28 24.56
CA GLU A 89 -10.96 -10.79 24.75
C GLU A 89 -9.95 -11.89 25.01
N HIS A 90 -10.38 -13.15 25.05
CA HIS A 90 -9.51 -14.28 25.31
C HIS A 90 -9.20 -15.11 24.08
N GLN A 91 -9.98 -14.98 23.02
CA GLN A 91 -9.78 -15.77 21.81
C GLN A 91 -8.38 -15.53 21.27
N VAL A 92 -7.70 -16.63 20.89
CA VAL A 92 -6.29 -16.58 20.50
C VAL A 92 -6.17 -16.50 18.99
N PHE A 93 -5.36 -15.54 18.52
CA PHE A 93 -5.06 -15.37 17.11
C PHE A 93 -3.64 -15.85 16.86
N LYS A 94 -3.51 -16.91 16.07
CA LYS A 94 -2.23 -17.59 15.95
C LYS A 94 -1.28 -16.79 15.07
N TRP A 95 -0.02 -16.72 15.50
CA TRP A 95 1.05 -16.19 14.67
C TRP A 95 1.11 -16.96 13.35
N ASP A 96 1.20 -16.24 12.22
CA ASP A 96 1.22 -16.90 10.92
C ASP A 96 2.59 -17.45 10.53
N GLY A 97 3.61 -17.32 11.39
CA GLY A 97 4.93 -17.84 11.10
C GLY A 97 5.86 -16.93 10.32
N GLN A 98 5.34 -15.86 9.71
CA GLN A 98 6.21 -14.87 9.08
C GLN A 98 6.92 -14.06 10.14
N THR A 99 8.24 -13.96 10.05
CA THR A 99 9.00 -13.18 11.02
C THR A 99 9.05 -11.72 10.57
N ARG A 100 8.57 -10.82 11.40
CA ARG A 100 8.50 -9.40 11.07
C ARG A 100 9.47 -8.61 11.93
N ASP A 101 9.58 -7.32 11.62
CA ASP A 101 10.64 -6.50 12.22
C ASP A 101 10.42 -6.25 13.70
N ILE A 102 9.16 -6.21 14.14
CA ILE A 102 8.85 -5.96 15.53
C ILE A 102 8.72 -7.31 16.24
N ALA A 103 9.64 -7.56 17.18
CA ALA A 103 9.72 -8.89 17.78
C ALA A 103 8.42 -9.29 18.47
N THR A 104 7.82 -8.36 19.23
CA THR A 104 6.59 -8.69 19.96
C THR A 104 5.44 -9.05 19.04
N TRP A 105 5.52 -8.78 17.73
CA TRP A 105 4.49 -9.22 16.79
C TRP A 105 4.60 -10.70 16.44
N ASN A 106 5.76 -11.30 16.64
CA ASN A 106 6.04 -12.67 16.19
C ASN A 106 5.68 -13.68 17.29
N ARG A 107 4.39 -13.75 17.61
CA ARG A 107 3.86 -14.63 18.65
C ARG A 107 2.33 -14.62 18.55
N ASP A 108 1.70 -15.49 19.34
CA ASP A 108 0.25 -15.52 19.40
C ASP A 108 -0.27 -14.35 20.25
N HIS A 109 -1.44 -13.86 19.91
CA HIS A 109 -2.03 -12.77 20.66
C HIS A 109 -3.51 -13.02 20.89
N ASN A 110 -4.03 -12.40 21.95
CA ASN A 110 -5.45 -12.15 22.10
C ASN A 110 -5.69 -10.65 21.90
N LEU A 111 -6.93 -10.21 22.10
CA LEU A 111 -7.31 -8.81 21.88
C LEU A 111 -6.58 -7.87 22.84
N ILE A 112 -6.40 -8.27 24.09
CA ILE A 112 -5.65 -7.46 25.06
C ILE A 112 -4.22 -7.21 24.57
N THR A 113 -3.49 -8.29 24.23
CA THR A 113 -2.10 -8.10 23.88
C THR A 113 -1.92 -7.54 22.47
N ALA A 114 -2.83 -7.87 21.54
CA ALA A 114 -2.74 -7.28 20.21
C ALA A 114 -2.84 -5.76 20.30
N MET A 115 -3.74 -5.25 21.14
CA MET A 115 -3.90 -3.80 21.24
C MET A 115 -2.70 -3.19 21.94
N LYS A 116 -2.17 -3.87 22.97
CA LYS A 116 -1.05 -3.35 23.76
C LYS A 116 0.23 -3.21 22.93
N TYR A 117 0.48 -4.14 22.02
CA TYR A 117 1.70 -4.13 21.23
C TYR A 117 1.45 -3.63 19.82
N SER A 118 0.28 -3.08 19.55
CA SER A 118 -0.06 -2.53 18.23
C SER A 118 0.23 -3.53 17.11
N VAL A 119 -0.26 -4.75 17.29
CA VAL A 119 0.00 -5.84 16.34
C VAL A 119 -0.84 -5.65 15.07
N VAL A 120 -0.28 -4.93 14.09
CA VAL A 120 -1.01 -4.63 12.85
C VAL A 120 -1.53 -5.88 12.13
N PRO A 121 -0.74 -6.94 11.91
CA PRO A 121 -1.27 -8.02 11.05
C PRO A 121 -2.49 -8.74 11.64
N VAL A 122 -2.64 -8.77 12.97
CA VAL A 122 -3.88 -9.27 13.58
C VAL A 122 -5.07 -8.41 13.17
N TYR A 123 -4.93 -7.08 13.23
CA TYR A 123 -6.06 -6.22 12.90
C TYR A 123 -6.33 -6.13 11.39
N GLN A 124 -5.34 -6.36 10.54
CA GLN A 124 -5.60 -6.48 9.10
C GLN A 124 -6.46 -7.71 8.79
N GLU A 125 -6.23 -8.81 9.50
CA GLU A 125 -7.12 -9.97 9.41
C GLU A 125 -8.56 -9.60 9.79
N PHE A 126 -8.76 -8.90 10.93
CA PHE A 126 -10.11 -8.45 11.30
C PHE A 126 -10.75 -7.64 10.18
N ALA A 127 -9.99 -6.68 9.64
CA ALA A 127 -10.50 -5.83 8.58
C ALA A 127 -10.93 -6.64 7.36
N ARG A 128 -10.14 -7.65 6.98
CA ARG A 128 -10.52 -8.48 5.84
C ARG A 128 -11.80 -9.27 6.13
N GLN A 129 -11.93 -9.80 7.36
CA GLN A 129 -13.16 -10.52 7.72
C GLN A 129 -14.36 -9.59 7.75
N ILE A 130 -14.19 -8.36 8.23
CA ILE A 130 -15.30 -7.41 8.27
C ILE A 130 -15.77 -7.06 6.86
N GLY A 131 -14.83 -6.71 5.99
CA GLY A 131 -15.15 -6.36 4.63
C GLY A 131 -15.55 -4.91 4.46
N GLU A 132 -15.46 -4.44 3.20
CA GLU A 132 -15.57 -3.01 2.89
C GLU A 132 -16.93 -2.44 3.25
N ALA A 133 -18.00 -3.17 2.91
CA ALA A 133 -19.35 -2.63 3.09
C ALA A 133 -19.71 -2.53 4.57
N ARG A 134 -19.46 -3.60 5.33
CA ARG A 134 -19.73 -3.53 6.76
C ARG A 134 -18.89 -2.45 7.44
N MET A 135 -17.62 -2.33 7.04
CA MET A 135 -16.70 -1.39 7.71
C MET A 135 -17.15 0.04 7.49
N SER A 136 -17.46 0.38 6.23
CA SER A 136 -17.96 1.72 5.90
C SER A 136 -19.28 2.02 6.61
N LYS A 137 -20.21 1.07 6.63
CA LYS A 137 -21.49 1.31 7.30
C LYS A 137 -21.28 1.61 8.79
N MET A 138 -20.36 0.88 9.45
CA MET A 138 -20.13 1.08 10.87
CA MET A 138 -20.15 1.09 10.88
C MET A 138 -19.47 2.42 11.16
N LEU A 139 -18.53 2.85 10.29
CA LEU A 139 -17.88 4.14 10.53
C LEU A 139 -18.85 5.31 10.34
N HIS A 140 -19.84 5.18 9.45
CA HIS A 140 -20.90 6.20 9.37
C HIS A 140 -21.67 6.26 10.68
N ALA A 141 -22.09 5.09 11.18
CA ALA A 141 -22.82 5.05 12.46
C ALA A 141 -22.04 5.74 13.58
N PHE A 142 -20.71 5.53 13.64
CA PHE A 142 -19.86 6.10 14.69
C PHE A 142 -19.61 7.60 14.51
N ASP A 143 -19.97 8.16 13.36
CA ASP A 143 -19.50 9.47 12.92
C ASP A 143 -17.98 9.62 13.14
N TYR A 144 -17.23 8.59 12.72
CA TYR A 144 -15.79 8.55 12.99
C TYR A 144 -15.05 9.32 11.90
N GLY A 145 -14.44 10.45 12.28
CA GLY A 145 -13.61 11.18 11.34
C GLY A 145 -14.39 11.57 10.10
N ASN A 146 -13.71 11.56 8.95
CA ASN A 146 -14.39 11.84 7.69
C ASN A 146 -15.10 10.61 7.13
N GLU A 147 -15.16 9.50 7.88
CA GLU A 147 -15.97 8.34 7.51
C GLU A 147 -15.60 7.79 6.14
N ASP A 148 -14.35 7.98 5.72
CA ASP A 148 -13.87 7.62 4.39
C ASP A 148 -12.98 6.39 4.49
N ILE A 149 -13.34 5.32 3.79
CA ILE A 149 -12.53 4.10 3.82
C ILE A 149 -11.83 3.83 2.49
N SER A 150 -11.79 4.80 1.59
CA SER A 150 -11.14 4.61 0.29
C SER A 150 -9.68 4.20 0.46
N GLY A 151 -9.25 3.24 -0.35
CA GLY A 151 -7.93 2.67 -0.23
C GLY A 151 -8.07 1.18 -0.03
N ASN A 152 -7.07 0.52 0.54
CA ASN A 152 -7.13 -0.93 0.71
C ASN A 152 -7.93 -1.31 1.96
N VAL A 153 -8.71 -2.37 1.84
CA VAL A 153 -9.57 -2.87 2.90
C VAL A 153 -8.80 -3.11 4.20
N ASP A 154 -7.54 -3.54 4.11
CA ASP A 154 -6.79 -3.91 5.30
C ASP A 154 -5.62 -2.97 5.60
N SER A 155 -5.66 -1.71 5.11
CA SER A 155 -4.61 -0.76 5.48
C SER A 155 -5.04 0.69 5.29
N PHE A 156 -6.34 0.92 5.03
CA PHE A 156 -6.80 2.29 4.76
C PHE A 156 -6.54 3.23 5.93
N TRP A 157 -6.50 2.72 7.17
CA TRP A 157 -6.17 3.58 8.31
C TRP A 157 -4.70 3.93 8.39
N LEU A 158 -3.85 3.27 7.60
CA LEU A 158 -2.42 3.60 7.57
C LEU A 158 -2.00 4.30 6.28
N ASP A 159 -2.72 4.13 5.18
CA ASP A 159 -2.28 4.80 3.95
C ASP A 159 -3.42 5.04 2.98
N GLY A 160 -4.67 5.00 3.41
CA GLY A 160 -5.82 5.31 2.60
C GLY A 160 -6.38 6.68 2.88
N GLY A 161 -7.70 6.83 2.66
CA GLY A 161 -8.39 8.10 2.73
C GLY A 161 -8.94 8.54 4.08
N ILE A 162 -8.97 7.68 5.09
CA ILE A 162 -9.55 8.07 6.39
C ILE A 162 -8.69 9.16 7.04
N ARG A 163 -9.34 10.14 7.65
CA ARG A 163 -8.64 11.18 8.40
C ARG A 163 -9.46 11.52 9.64
N ILE A 164 -8.78 11.99 10.69
CA ILE A 164 -9.46 12.34 11.94
C ILE A 164 -8.57 13.32 12.69
N SER A 165 -9.21 14.29 13.36
CA SER A 165 -8.54 15.29 14.18
C SER A 165 -8.50 14.87 15.64
N ALA A 166 -7.55 15.43 16.39
CA ALA A 166 -7.53 15.29 17.84
C ALA A 166 -8.88 15.61 18.46
N THR A 167 -9.46 16.74 18.08
CA THR A 167 -10.81 17.12 18.49
C THR A 167 -11.84 16.05 18.14
N GLU A 168 -11.76 15.48 16.94
CA GLU A 168 -12.71 14.44 16.57
C GLU A 168 -12.47 13.13 17.33
N GLN A 169 -11.24 12.90 17.79
CA GLN A 169 -10.94 11.72 18.60
C GLN A 169 -11.66 11.81 19.94
N ILE A 170 -11.61 13.00 20.59
CA ILE A 170 -12.27 13.19 21.88
C ILE A 170 -13.77 12.95 21.78
N SER A 171 -14.41 13.51 20.75
CA SER A 171 -15.82 13.29 20.53
C SER A 171 -16.17 11.81 20.40
N PHE A 172 -15.36 11.06 19.65
CA PHE A 172 -15.55 9.61 19.57
C PHE A 172 -15.30 8.94 20.92
N LEU A 173 -14.28 9.37 21.65
CA LEU A 173 -13.92 8.69 22.90
C LEU A 173 -14.98 8.92 23.97
N ARG A 174 -15.65 10.08 23.93
CA ARG A 174 -16.68 10.40 24.91
C ARG A 174 -17.90 9.51 24.73
N LYS A 175 -18.33 9.31 23.48
CA LYS A 175 -19.38 8.33 23.23
C LYS A 175 -19.02 6.97 23.80
N LEU A 176 -17.77 6.54 23.60
CA LEU A 176 -17.34 5.23 24.09
C LEU A 176 -17.40 5.15 25.62
N TYR A 177 -16.89 6.18 26.30
CA TYR A 177 -16.95 6.21 27.75
C TYR A 177 -18.37 6.00 28.27
N HIS A 178 -19.38 6.61 27.61
CA HIS A 178 -20.79 6.57 28.04
C HIS A 178 -21.61 5.47 27.35
N ASN A 179 -20.96 4.56 26.62
CA ASN A 179 -21.66 3.43 25.99
C ASN A 179 -22.73 3.91 25.00
N LYS A 180 -22.44 5.00 24.30
CA LYS A 180 -23.40 5.59 23.37
C LYS A 180 -23.20 5.14 21.92
N LEU A 181 -22.11 4.49 21.58
CA LEU A 181 -21.87 4.14 20.19
C LEU A 181 -22.87 3.08 19.71
N HIS A 182 -23.07 3.03 18.39
CA HIS A 182 -24.02 2.14 17.74
C HIS A 182 -23.56 0.68 17.71
N VAL A 183 -23.01 0.18 18.82
CA VAL A 183 -22.70 -1.23 19.02
C VAL A 183 -23.16 -1.60 20.42
N SER A 184 -23.18 -2.89 20.72
CA SER A 184 -23.63 -3.37 22.03
C SER A 184 -22.78 -2.78 23.14
N GLU A 185 -23.38 -2.64 24.33
CA GLU A 185 -22.63 -2.18 25.50
C GLU A 185 -21.52 -3.16 25.86
N ARG A 186 -21.74 -4.45 25.63
CA ARG A 186 -20.69 -5.45 25.86
C ARG A 186 -19.45 -5.17 25.01
N SER A 187 -19.65 -4.86 23.73
CA SER A 187 -18.52 -4.51 22.86
C SER A 187 -17.71 -3.35 23.42
N GLN A 188 -18.39 -2.29 23.85
CA GLN A 188 -17.71 -1.09 24.34
C GLN A 188 -17.03 -1.31 25.68
N ARG A 189 -17.58 -2.20 26.53
CA ARG A 189 -16.94 -2.48 27.80
C ARG A 189 -15.67 -3.30 27.60
N ILE A 190 -15.68 -4.22 26.62
CA ILE A 190 -14.49 -5.02 26.36
C ILE A 190 -13.36 -4.15 25.79
N VAL A 191 -13.69 -3.22 24.88
CA VAL A 191 -12.66 -2.35 24.30
C VAL A 191 -12.09 -1.40 25.37
N LYS A 192 -12.93 -0.89 26.28
CA LYS A 192 -12.40 -0.01 27.34
C LYS A 192 -11.50 -0.78 28.30
N GLN A 193 -11.77 -2.08 28.48
CA GLN A 193 -10.88 -2.92 29.28
C GLN A 193 -9.54 -3.10 28.57
N ALA A 194 -9.57 -3.43 27.28
CA ALA A 194 -8.35 -3.62 26.53
C ALA A 194 -7.52 -2.34 26.40
N MET A 195 -8.14 -1.17 26.56
CA MET A 195 -7.41 0.08 26.46
C MET A 195 -6.63 0.39 27.72
N LEU A 196 -6.86 -0.37 28.80
CA LEU A 196 -6.18 -0.09 30.05
C LEU A 196 -4.68 -0.02 29.83
N THR A 197 -4.06 1.05 30.32
CA THR A 197 -2.63 1.30 30.12
C THR A 197 -1.88 1.44 31.44
N GLU A 198 -2.48 2.03 32.45
CA GLU A 198 -1.75 2.33 33.68
C GLU A 198 -2.74 2.70 34.77
N ALA A 199 -2.47 2.27 35.99
CA ALA A 199 -3.35 2.59 37.10
C ALA A 199 -2.58 2.48 38.41
N ASN A 200 -2.93 3.35 39.35
CA ASN A 200 -2.45 3.26 40.72
C ASN A 200 -3.51 3.90 41.61
N GLY A 201 -3.13 4.17 42.87
CA GLY A 201 -4.04 4.84 43.80
C GLY A 201 -4.42 6.26 43.41
N ASP A 202 -3.73 6.87 42.46
CA ASP A 202 -3.98 8.26 42.06
C ASP A 202 -4.85 8.42 40.81
N TYR A 203 -4.72 7.53 39.82
CA TYR A 203 -5.44 7.72 38.56
C TYR A 203 -5.46 6.43 37.76
N ILE A 204 -6.38 6.36 36.80
CA ILE A 204 -6.43 5.30 35.80
C ILE A 204 -6.32 5.94 34.42
N ILE A 205 -5.45 5.39 33.57
CA ILE A 205 -5.35 5.80 32.17
C ILE A 205 -5.79 4.66 31.26
N ARG A 206 -6.78 4.96 30.42
CA ARG A 206 -7.16 4.11 29.28
C ARG A 206 -6.80 4.87 28.01
N ALA A 207 -5.97 4.27 27.15
CA ALA A 207 -5.48 5.02 25.99
C ALA A 207 -5.00 4.06 24.91
N LYS A 208 -4.70 4.64 23.73
CA LYS A 208 -4.13 3.91 22.60
C LYS A 208 -3.08 4.77 21.88
N THR A 209 -1.88 4.22 21.71
CA THR A 209 -0.82 4.85 20.94
C THR A 209 -1.05 4.66 19.45
N GLY A 210 -0.41 5.52 18.66
CA GLY A 210 -0.40 5.37 17.21
C GLY A 210 0.88 5.95 16.64
N TYR A 211 1.29 5.43 15.48
CA TYR A 211 2.48 5.93 14.76
C TYR A 211 2.22 5.84 13.26
N SER A 212 2.04 7.01 12.63
CA SER A 212 1.73 7.14 11.21
C SER A 212 3.00 7.48 10.43
N THR A 213 3.49 6.54 9.63
CA THR A 213 4.73 6.71 8.85
C THR A 213 4.59 6.52 7.35
N ARG A 214 3.46 6.04 6.85
CA ARG A 214 3.36 5.70 5.44
C ARG A 214 3.12 6.91 4.55
N ILE A 215 2.50 7.96 5.09
CA ILE A 215 2.18 9.15 4.32
C ILE A 215 2.60 10.35 5.15
N GLU A 216 3.23 11.33 4.51
CA GLU A 216 3.72 12.49 5.25
C GLU A 216 2.54 13.37 5.65
N PRO A 217 2.61 14.01 6.84
CA PRO A 217 3.75 14.06 7.77
C PRO A 217 3.77 12.92 8.78
N LYS A 218 4.94 12.32 9.04
CA LYS A 218 5.05 11.30 10.08
C LYS A 218 4.68 11.87 11.45
N ILE A 219 3.71 11.24 12.12
CA ILE A 219 3.22 11.71 13.40
C ILE A 219 3.06 10.56 14.39
N GLY A 220 3.23 10.89 15.66
CA GLY A 220 2.90 10.01 16.76
C GLY A 220 1.61 10.49 17.39
N TRP A 221 0.82 9.53 17.90
CA TRP A 221 -0.49 9.82 18.48
C TRP A 221 -0.52 9.26 19.90
N TRP A 222 -1.37 9.86 20.76
CA TRP A 222 -1.80 9.22 22.00
C TRP A 222 -3.16 9.79 22.37
N VAL A 223 -4.17 8.93 22.42
CA VAL A 223 -5.55 9.34 22.68
C VAL A 223 -6.15 8.45 23.76
N GLY A 224 -7.01 9.02 24.59
CA GLY A 224 -7.58 8.28 25.71
C GLY A 224 -8.21 9.21 26.74
N TRP A 225 -8.14 8.79 28.00
CA TRP A 225 -8.65 9.62 29.08
C TRP A 225 -8.00 9.20 30.39
N VAL A 226 -8.13 10.08 31.37
CA VAL A 226 -7.60 9.90 32.72
C VAL A 226 -8.78 9.87 33.69
N GLU A 227 -8.96 8.74 34.37
CA GLU A 227 -10.03 8.60 35.36
C GLU A 227 -9.50 9.04 36.73
N LEU A 228 -10.20 9.98 37.34
CA LEU A 228 -9.97 10.41 38.72
C LEU A 228 -11.15 9.96 39.58
N ASP A 229 -11.03 10.18 40.89
CA ASP A 229 -12.13 9.81 41.79
C ASP A 229 -13.45 10.46 41.38
N ASP A 230 -13.44 11.76 41.02
CA ASP A 230 -14.68 12.49 40.78
C ASP A 230 -14.77 13.21 39.43
N ASN A 231 -13.87 12.92 38.49
CA ASN A 231 -13.87 13.55 37.16
C ASN A 231 -13.12 12.63 36.21
N VAL A 232 -13.31 12.86 34.91
CA VAL A 232 -12.50 12.22 33.89
C VAL A 232 -12.04 13.29 32.90
N TRP A 233 -10.75 13.28 32.59
CA TRP A 233 -10.14 14.17 31.60
C TRP A 233 -9.85 13.37 30.33
N PHE A 234 -10.59 13.67 29.27
CA PHE A 234 -10.27 13.10 27.98
C PHE A 234 -9.06 13.80 27.37
N PHE A 235 -8.29 13.08 26.54
CA PHE A 235 -7.14 13.68 25.89
C PHE A 235 -6.89 13.07 24.52
N ALA A 236 -6.22 13.86 23.68
CA ALA A 236 -5.84 13.46 22.33
C ALA A 236 -4.67 14.34 21.91
N MET A 237 -3.53 13.72 21.65
CA MET A 237 -2.35 14.45 21.24
C MET A 237 -1.78 13.81 19.97
N ASN A 238 -1.16 14.64 19.14
CA ASN A 238 -0.26 14.17 18.09
C ASN A 238 0.91 15.13 17.96
N MET A 239 2.04 14.60 17.49
CA MET A 239 3.25 15.36 17.35
C MET A 239 4.02 14.83 16.16
N ASP A 240 4.82 15.72 15.54
CA ASP A 240 5.69 15.28 14.46
C ASP A 240 6.72 14.29 15.00
N MET A 241 7.05 13.29 14.18
CA MET A 241 7.83 12.14 14.65
C MET A 241 8.64 11.63 13.46
N PRO A 242 9.81 12.23 13.20
CA PRO A 242 10.62 11.80 12.04
C PRO A 242 11.24 10.42 12.22
N THR A 243 11.57 10.05 13.46
CA THR A 243 12.23 8.79 13.75
C THR A 243 11.45 8.06 14.83
N SER A 244 11.69 6.75 14.94
CA SER A 244 11.02 5.97 15.97
C SER A 244 11.63 6.16 17.35
N ASP A 245 12.83 6.75 17.44
CA ASP A 245 13.51 6.88 18.72
C ASP A 245 12.81 7.83 19.68
N GLY A 246 12.02 8.77 19.16
CA GLY A 246 11.35 9.70 20.05
C GLY A 246 9.94 9.31 20.46
N LEU A 247 9.59 8.02 20.37
CA LEU A 247 8.18 7.64 20.56
C LEU A 247 7.72 7.81 22.01
N GLY A 248 8.64 7.63 22.98
CA GLY A 248 8.30 7.88 24.38
C GLY A 248 7.87 9.30 24.70
N LEU A 249 8.20 10.26 23.84
CA LEU A 249 7.79 11.63 24.11
C LEU A 249 6.28 11.82 24.05
N ARG A 250 5.57 10.95 23.32
CA ARG A 250 4.11 11.00 23.28
C ARG A 250 3.52 11.04 24.68
N GLN A 251 3.97 10.12 25.54
CA GLN A 251 3.47 10.01 26.90
C GLN A 251 4.13 11.03 27.81
N ALA A 252 5.44 11.21 27.67
CA ALA A 252 6.19 12.18 28.47
C ALA A 252 5.59 13.59 28.37
N ILE A 253 5.39 14.08 27.15
CA ILE A 253 4.87 15.43 26.98
C ILE A 253 3.43 15.51 27.49
N THR A 254 2.65 14.45 27.27
CA THR A 254 1.29 14.45 27.80
C THR A 254 1.31 14.49 29.32
N LYS A 255 2.18 13.72 29.94
CA LYS A 255 2.17 13.70 31.40
C LYS A 255 2.62 15.04 31.96
N GLU A 256 3.57 15.70 31.28
CA GLU A 256 4.04 17.01 31.71
C GLU A 256 2.92 18.04 31.67
N VAL A 257 2.10 18.01 30.61
CA VAL A 257 0.93 18.87 30.58
C VAL A 257 -0.02 18.51 31.72
N LEU A 258 -0.15 17.20 32.01
CA LEU A 258 -1.10 16.77 33.04
C LEU A 258 -0.67 17.23 34.42
N LYS A 259 0.63 17.13 34.73
CA LYS A 259 1.16 17.66 35.98
C LYS A 259 0.98 19.18 36.09
N GLN A 260 1.27 19.91 35.00
CA GLN A 260 1.09 21.36 35.02
C GLN A 260 -0.33 21.73 35.45
N GLU A 261 -1.33 21.03 34.91
CA GLU A 261 -2.72 21.29 35.25
C GLU A 261 -3.16 20.60 36.54
N LYS A 262 -2.24 20.03 37.31
CA LYS A 262 -2.55 19.38 38.59
C LYS A 262 -3.63 18.32 38.42
N ILE A 263 -3.60 17.61 37.29
CA ILE A 263 -4.52 16.50 37.07
C ILE A 263 -3.95 15.19 37.63
N ILE A 264 -2.64 15.01 37.49
CA ILE A 264 -1.91 13.93 38.16
C ILE A 264 -0.86 14.59 39.04
N PRO A 265 -0.33 13.85 40.04
CA PRO A 265 0.72 14.48 40.86
C PRO A 265 2.10 14.38 40.24
N GLU B 24 30.22 -1.30 -20.47
CA GLU B 24 29.19 -2.34 -20.55
C GLU B 24 27.92 -1.77 -21.16
N TRP B 25 27.80 -0.45 -21.18
CA TRP B 25 26.71 0.21 -21.89
C TRP B 25 27.30 1.03 -23.04
N GLN B 26 26.51 1.21 -24.11
CA GLN B 26 26.96 1.96 -25.27
C GLN B 26 25.77 2.61 -25.97
N GLU B 27 25.96 3.84 -26.44
CA GLU B 27 24.91 4.58 -27.12
C GLU B 27 25.08 4.49 -28.62
N ASN B 28 23.97 4.67 -29.32
CA ASN B 28 23.93 4.45 -30.76
C ASN B 28 22.76 5.25 -31.33
N LYS B 29 22.99 6.56 -31.52
CA LYS B 29 21.93 7.50 -31.89
C LYS B 29 21.39 7.26 -33.28
N SER B 30 22.00 6.37 -34.06
CA SER B 30 21.46 6.07 -35.38
C SER B 30 20.02 5.57 -35.30
N TRP B 31 19.68 4.81 -34.25
CA TRP B 31 18.35 4.22 -34.16
C TRP B 31 17.25 5.27 -34.07
N ASN B 32 17.58 6.48 -33.60
CA ASN B 32 16.60 7.55 -33.53
C ASN B 32 15.91 7.81 -34.86
N ALA B 33 16.50 7.34 -35.97
CA ALA B 33 15.88 7.51 -37.27
C ALA B 33 14.54 6.81 -37.35
N HIS B 34 14.44 5.60 -36.79
CA HIS B 34 13.20 4.81 -36.87
C HIS B 34 12.05 5.48 -36.12
N PHE B 35 12.35 6.15 -35.01
CA PHE B 35 11.34 6.98 -34.35
C PHE B 35 10.96 8.17 -35.23
N THR B 36 11.95 8.76 -35.92
CA THR B 36 11.73 9.95 -36.74
C THR B 36 10.79 9.67 -37.91
N GLU B 37 11.10 8.64 -38.71
CA GLU B 37 10.27 8.34 -39.87
C GLU B 37 8.84 8.00 -39.49
N HIS B 38 8.58 7.71 -38.22
CA HIS B 38 7.24 7.40 -37.74
C HIS B 38 6.65 8.53 -36.91
N LYS B 39 7.31 9.69 -36.87
CA LYS B 39 6.80 10.87 -36.18
C LYS B 39 6.53 10.57 -34.71
N SER B 40 7.55 10.03 -34.02
CA SER B 40 7.39 9.53 -32.67
C SER B 40 8.68 9.75 -31.90
N GLN B 41 8.62 9.59 -30.58
CA GLN B 41 9.85 9.62 -29.80
C GLN B 41 9.80 8.61 -28.65
N GLY B 42 10.96 8.05 -28.34
CA GLY B 42 11.07 7.12 -27.24
C GLY B 42 12.48 6.57 -27.18
N VAL B 43 12.62 5.44 -26.50
CA VAL B 43 13.89 4.76 -26.32
C VAL B 43 13.71 3.28 -26.63
N VAL B 44 14.80 2.66 -27.11
CA VAL B 44 14.86 1.23 -27.34
C VAL B 44 16.19 0.77 -26.75
N VAL B 45 16.13 -0.20 -25.84
CA VAL B 45 17.31 -0.70 -25.15
C VAL B 45 17.45 -2.19 -25.49
N LEU B 46 18.69 -2.60 -25.80
CA LEU B 46 19.00 -3.97 -26.15
C LEU B 46 20.15 -4.43 -25.27
N TRP B 47 20.19 -5.74 -25.02
CA TRP B 47 21.22 -6.33 -24.17
C TRP B 47 21.64 -7.66 -24.79
N ASN B 48 22.94 -7.79 -25.12
CA ASN B 48 23.50 -9.01 -25.67
C ASN B 48 23.96 -9.87 -24.50
N GLU B 49 23.28 -10.99 -24.28
CA GLU B 49 23.57 -11.77 -23.10
C GLU B 49 24.94 -12.43 -23.18
N ASN B 50 25.35 -12.89 -24.36
CA ASN B 50 26.62 -13.61 -24.47
C ASN B 50 27.80 -12.69 -24.19
N LYS B 51 27.72 -11.45 -24.63
CA LYS B 51 28.81 -10.50 -24.48
C LYS B 51 28.69 -9.68 -23.19
N GLN B 52 27.48 -9.54 -22.65
CA GLN B 52 27.18 -8.65 -21.54
C GLN B 52 27.39 -7.18 -21.92
N GLN B 53 26.71 -6.77 -22.99
CA GLN B 53 26.82 -5.40 -23.47
C GLN B 53 25.44 -4.87 -23.85
N GLY B 54 25.17 -3.64 -23.44
CA GLY B 54 23.91 -2.98 -23.74
C GLY B 54 24.08 -1.88 -24.77
N PHE B 55 23.00 -1.61 -25.50
CA PHE B 55 22.96 -0.61 -26.55
C PHE B 55 21.64 0.14 -26.43
N THR B 56 21.66 1.44 -26.73
CA THR B 56 20.42 2.20 -26.76
C THR B 56 20.63 3.48 -27.56
N ASN B 57 19.51 4.06 -28.01
CA ASN B 57 19.51 5.32 -28.74
C ASN B 57 19.51 6.55 -27.83
N ASN B 58 19.40 6.36 -26.51
CA ASN B 58 19.17 7.44 -25.55
C ASN B 58 19.43 6.96 -24.13
N LEU B 59 20.65 7.16 -23.63
CA LEU B 59 20.99 6.65 -22.31
C LEU B 59 20.18 7.32 -21.20
N LYS B 60 19.74 8.57 -21.41
CA LYS B 60 18.94 9.27 -20.39
C LYS B 60 17.56 8.66 -20.25
N ARG B 61 16.78 8.67 -21.35
CA ARG B 61 15.44 8.07 -21.32
C ARG B 61 15.48 6.58 -20.95
N ALA B 62 16.53 5.86 -21.34
CA ALA B 62 16.65 4.46 -20.96
C ALA B 62 16.68 4.26 -19.45
N ASN B 63 17.11 5.29 -18.71
CA ASN B 63 17.20 5.22 -17.26
C ASN B 63 16.10 6.00 -16.56
N GLN B 64 15.20 6.63 -17.32
CA GLN B 64 14.05 7.31 -16.75
C GLN B 64 12.94 6.32 -16.36
N ALA B 65 12.45 6.43 -15.12
CA ALA B 65 11.43 5.50 -14.59
C ALA B 65 10.02 6.01 -14.87
N PHE B 66 9.18 5.17 -15.48
CA PHE B 66 7.77 5.45 -15.72
C PHE B 66 6.87 4.47 -14.96
N LEU B 67 5.57 4.68 -15.07
CA LEU B 67 4.60 3.68 -14.61
C LEU B 67 4.68 2.43 -15.50
N PRO B 68 4.76 1.22 -14.93
CA PRO B 68 4.87 0.01 -15.77
C PRO B 68 3.64 -0.29 -16.63
N ALA B 69 2.46 0.23 -16.27
CA ALA B 69 1.17 -0.20 -16.83
C ALA B 69 1.12 -1.74 -16.96
N SER B 70 0.57 -2.24 -18.08
CA SER B 70 0.30 -3.67 -18.21
C SER B 70 1.56 -4.53 -18.26
N THR B 71 2.76 -3.95 -18.45
CA THR B 71 3.96 -4.77 -18.26
C THR B 71 4.13 -5.25 -16.83
N PHE B 72 3.40 -4.68 -15.88
CA PHE B 72 3.38 -5.21 -14.51
C PHE B 72 2.69 -6.62 -14.41
N KCX B 73 1.94 -7.01 -15.44
CA KCX B 73 1.33 -8.35 -15.48
CB KCX B 73 0.47 -8.53 -16.74
CG KCX B 73 -0.83 -7.76 -16.66
CD KCX B 73 -1.78 -7.98 -17.81
CE KCX B 73 -3.13 -7.32 -17.53
NZ KCX B 73 -3.01 -5.84 -17.49
C KCX B 73 2.39 -9.45 -15.37
O KCX B 73 2.07 -10.52 -14.87
CX KCX B 73 -2.90 -5.12 -16.36
OQ1 KCX B 73 -2.91 -5.66 -15.22
OQ2 KCX B 73 -2.80 -3.87 -16.42
N ILE B 74 3.65 -9.17 -15.70
CA ILE B 74 4.70 -10.17 -15.46
C ILE B 74 4.98 -10.42 -13.95
N PRO B 75 5.37 -9.41 -13.14
CA PRO B 75 5.56 -9.71 -11.69
C PRO B 75 4.26 -10.07 -10.99
N ASN B 76 3.14 -9.47 -11.39
CA ASN B 76 1.85 -9.84 -10.83
C ASN B 76 1.56 -11.32 -11.04
N SER B 77 1.88 -11.86 -12.23
CA SER B 77 1.64 -13.28 -12.51
C SER B 77 2.51 -14.15 -11.63
N LEU B 78 3.80 -13.79 -11.52
CA LEU B 78 4.72 -14.54 -10.68
C LEU B 78 4.24 -14.62 -9.26
N ILE B 79 3.76 -13.51 -8.70
CA ILE B 79 3.35 -13.48 -7.30
C ILE B 79 2.08 -14.29 -7.10
N ALA B 80 1.08 -14.11 -7.96
CA ALA B 80 -0.16 -14.87 -7.86
C ALA B 80 0.09 -16.38 -7.98
N LEU B 81 1.01 -16.81 -8.86
CA LEU B 81 1.27 -18.24 -8.99
C LEU B 81 2.04 -18.76 -7.78
N ASP B 82 3.03 -18.01 -7.30
CA ASP B 82 3.78 -18.52 -6.16
C ASP B 82 2.94 -18.55 -4.88
N LEU B 83 1.92 -17.71 -4.77
CA LEU B 83 1.02 -17.72 -3.61
C LEU B 83 -0.18 -18.65 -3.77
N GLY B 84 -0.31 -19.35 -4.89
CA GLY B 84 -1.50 -20.18 -5.07
C GLY B 84 -2.77 -19.42 -5.39
N VAL B 85 -2.71 -18.10 -5.56
CA VAL B 85 -3.89 -17.37 -6.01
C VAL B 85 -4.31 -17.84 -7.40
N VAL B 86 -3.34 -18.26 -8.21
CA VAL B 86 -3.56 -18.90 -9.51
C VAL B 86 -2.95 -20.29 -9.41
N LYS B 87 -3.75 -21.32 -9.73
N LYS B 87 -3.75 -21.32 -9.73
CA LYS B 87 -3.26 -22.69 -9.56
CA LYS B 87 -3.28 -22.70 -9.57
C LYS B 87 -2.34 -23.11 -10.70
C LYS B 87 -2.33 -23.10 -10.69
N ASP B 88 -2.61 -22.65 -11.92
CA ASP B 88 -1.80 -22.96 -13.09
C ASP B 88 -2.32 -22.11 -14.25
N GLU B 89 -1.74 -22.33 -15.41
CA GLU B 89 -2.01 -21.51 -16.58
C GLU B 89 -3.30 -21.86 -17.28
N HIS B 90 -4.00 -22.95 -16.88
CA HIS B 90 -5.29 -23.29 -17.48
C HIS B 90 -6.49 -22.97 -16.59
N GLN B 91 -6.29 -22.63 -15.32
CA GLN B 91 -7.42 -22.33 -14.44
C GLN B 91 -8.23 -21.18 -15.02
N VAL B 92 -9.56 -21.28 -14.95
CA VAL B 92 -10.43 -20.34 -15.63
C VAL B 92 -10.91 -19.29 -14.65
N PHE B 93 -10.92 -18.04 -15.11
CA PHE B 93 -11.43 -16.92 -14.33
C PHE B 93 -12.57 -16.32 -15.13
N LYS B 94 -13.79 -16.47 -14.60
CA LYS B 94 -14.98 -16.10 -15.35
C LYS B 94 -15.17 -14.59 -15.35
N TRP B 95 -15.65 -14.07 -16.48
CA TRP B 95 -16.17 -12.71 -16.55
C TRP B 95 -17.09 -12.40 -15.37
N ASP B 96 -16.97 -11.18 -14.83
CA ASP B 96 -17.83 -10.76 -13.72
C ASP B 96 -19.17 -10.18 -14.17
N GLY B 97 -19.41 -10.08 -15.47
CA GLY B 97 -20.66 -9.62 -15.99
C GLY B 97 -20.71 -8.15 -16.34
N GLN B 98 -19.80 -7.34 -15.80
CA GLN B 98 -19.77 -5.91 -16.15
C GLN B 98 -19.21 -5.76 -17.57
N THR B 99 -20.06 -5.29 -18.49
CA THR B 99 -19.62 -5.02 -19.85
C THR B 99 -18.66 -3.84 -19.86
N ARG B 100 -17.50 -4.01 -20.50
CA ARG B 100 -16.48 -2.97 -20.56
C ARG B 100 -16.16 -2.64 -22.03
N ASP B 101 -15.26 -1.67 -22.22
CA ASP B 101 -15.07 -1.03 -23.52
C ASP B 101 -14.12 -1.77 -24.45
N ILE B 102 -13.24 -2.63 -23.94
CA ILE B 102 -12.44 -3.49 -24.79
C ILE B 102 -13.17 -4.83 -24.88
N ALA B 103 -13.58 -5.18 -26.11
CA ALA B 103 -14.49 -6.30 -26.31
C ALA B 103 -13.88 -7.62 -25.83
N THR B 104 -12.58 -7.80 -26.00
CA THR B 104 -11.93 -9.04 -25.59
C THR B 104 -11.93 -9.25 -24.07
N TRP B 105 -12.27 -8.23 -23.28
CA TRP B 105 -12.29 -8.33 -21.83
C TRP B 105 -13.58 -8.95 -21.30
N ASN B 106 -14.64 -8.94 -22.10
CA ASN B 106 -15.95 -9.39 -21.65
C ASN B 106 -16.13 -10.89 -21.91
N ARG B 107 -15.14 -11.70 -21.54
CA ARG B 107 -15.23 -13.14 -21.70
CA ARG B 107 -15.18 -13.14 -21.74
C ARG B 107 -14.45 -13.82 -20.59
N ASP B 108 -14.52 -15.14 -20.58
CA ASP B 108 -13.74 -15.94 -19.65
C ASP B 108 -12.30 -16.05 -20.15
N HIS B 109 -11.35 -16.08 -19.20
CA HIS B 109 -9.94 -16.06 -19.54
C HIS B 109 -9.19 -17.00 -18.62
N ASN B 110 -8.04 -17.46 -19.09
CA ASN B 110 -7.05 -18.06 -18.21
C ASN B 110 -5.80 -17.17 -18.20
N LEU B 111 -4.74 -17.66 -17.53
CA LEU B 111 -3.50 -16.91 -17.47
C LEU B 111 -2.98 -16.56 -18.86
N ILE B 112 -2.96 -17.55 -19.77
CA ILE B 112 -2.39 -17.33 -21.09
C ILE B 112 -3.13 -16.20 -21.82
N THR B 113 -4.47 -16.22 -21.76
CA THR B 113 -5.23 -15.23 -22.53
C THR B 113 -5.40 -13.90 -21.79
N ALA B 114 -5.39 -13.91 -20.45
CA ALA B 114 -5.44 -12.64 -19.72
C ALA B 114 -4.20 -11.80 -20.02
N MET B 115 -3.04 -12.45 -20.11
CA MET B 115 -1.83 -11.73 -20.41
C MET B 115 -1.82 -11.28 -21.89
N LYS B 116 -2.32 -12.13 -22.79
CA LYS B 116 -2.30 -11.81 -24.23
C LYS B 116 -3.17 -10.59 -24.55
N TYR B 117 -4.34 -10.49 -23.93
CA TYR B 117 -5.26 -9.40 -24.20
C TYR B 117 -5.20 -8.28 -23.15
N SER B 118 -4.20 -8.31 -22.26
CA SER B 118 -4.03 -7.33 -21.19
C SER B 118 -5.34 -7.10 -20.43
N VAL B 119 -5.88 -8.20 -19.90
CA VAL B 119 -7.20 -8.17 -19.27
C VAL B 119 -7.06 -7.65 -17.83
N VAL B 120 -7.11 -6.33 -17.73
CA VAL B 120 -6.97 -5.63 -16.45
C VAL B 120 -7.86 -6.19 -15.33
N PRO B 121 -9.18 -6.35 -15.51
CA PRO B 121 -10.01 -6.76 -14.36
C PRO B 121 -9.63 -8.13 -13.79
N VAL B 122 -9.09 -9.04 -14.62
CA VAL B 122 -8.64 -10.32 -14.09
C VAL B 122 -7.47 -10.10 -13.14
N TYR B 123 -6.49 -9.28 -13.53
CA TYR B 123 -5.32 -9.06 -12.68
C TYR B 123 -5.64 -8.20 -11.48
N GLN B 124 -6.65 -7.31 -11.57
CA GLN B 124 -7.09 -6.56 -10.40
C GLN B 124 -7.66 -7.50 -9.34
N GLU B 125 -8.39 -8.55 -9.76
CA GLU B 125 -8.80 -9.58 -8.83
C GLU B 125 -7.60 -10.28 -8.20
N PHE B 126 -6.58 -10.64 -9.02
CA PHE B 126 -5.37 -11.24 -8.46
C PHE B 126 -4.76 -10.34 -7.39
N ALA B 127 -4.60 -9.03 -7.70
CA ALA B 127 -3.93 -8.13 -6.77
C ALA B 127 -4.68 -8.05 -5.45
N ARG B 128 -6.02 -7.95 -5.51
CA ARG B 128 -6.78 -7.89 -4.27
C ARG B 128 -6.54 -9.11 -3.39
N GLN B 129 -6.43 -10.31 -3.99
CA GLN B 129 -6.21 -11.50 -3.17
C GLN B 129 -4.79 -11.58 -2.66
N ILE B 130 -3.81 -11.14 -3.45
CA ILE B 130 -2.44 -11.04 -2.93
C ILE B 130 -2.42 -10.16 -1.68
N GLY B 131 -3.10 -9.01 -1.74
CA GLY B 131 -3.07 -8.02 -0.68
C GLY B 131 -1.81 -7.16 -0.64
N GLU B 132 -1.94 -5.97 -0.05
CA GLU B 132 -0.87 -4.96 -0.09
C GLU B 132 0.38 -5.41 0.66
N ALA B 133 0.24 -6.11 1.78
CA ALA B 133 1.45 -6.50 2.53
C ALA B 133 2.29 -7.49 1.74
N ARG B 134 1.65 -8.43 1.05
CA ARG B 134 2.44 -9.43 0.31
C ARG B 134 2.91 -8.89 -1.04
N MET B 135 2.06 -8.09 -1.72
CA MET B 135 2.52 -7.35 -2.90
C MET B 135 3.83 -6.63 -2.63
N SER B 136 3.89 -5.94 -1.48
CA SER B 136 5.02 -5.07 -1.13
C SER B 136 6.28 -5.87 -0.81
N LYS B 137 6.16 -6.90 0.01
CA LYS B 137 7.32 -7.71 0.36
C LYS B 137 7.93 -8.36 -0.89
N MET B 138 7.08 -8.74 -1.86
CA MET B 138 7.56 -9.46 -3.05
C MET B 138 8.27 -8.53 -4.02
N LEU B 139 7.72 -7.33 -4.23
CA LEU B 139 8.37 -6.38 -5.11
C LEU B 139 9.72 -5.96 -4.54
N HIS B 140 9.84 -5.87 -3.21
CA HIS B 140 11.17 -5.64 -2.64
C HIS B 140 12.09 -6.82 -2.90
N ALA B 141 11.58 -8.05 -2.73
CA ALA B 141 12.38 -9.24 -3.01
C ALA B 141 12.77 -9.32 -4.49
N PHE B 142 11.92 -8.80 -5.40
CA PHE B 142 12.25 -8.78 -6.82
C PHE B 142 13.21 -7.67 -7.19
N ASP B 143 13.42 -6.71 -6.30
CA ASP B 143 14.22 -5.53 -6.60
C ASP B 143 13.59 -4.74 -7.76
N TYR B 144 12.25 -4.68 -7.78
CA TYR B 144 11.49 -4.20 -8.93
C TYR B 144 11.30 -2.69 -8.87
N GLY B 145 11.95 -1.97 -9.79
CA GLY B 145 11.69 -0.54 -9.94
C GLY B 145 11.98 0.22 -8.65
N ASN B 146 11.11 1.17 -8.31
CA ASN B 146 11.25 1.85 -7.02
C ASN B 146 10.55 1.11 -5.88
N GLU B 147 9.98 -0.07 -6.14
CA GLU B 147 9.36 -0.94 -5.13
C GLU B 147 8.26 -0.24 -4.34
N ASP B 148 7.49 0.65 -4.98
CA ASP B 148 6.51 1.50 -4.30
C ASP B 148 5.09 1.17 -4.77
N ILE B 149 4.27 0.63 -3.86
CA ILE B 149 2.91 0.22 -4.21
C ILE B 149 1.87 1.23 -3.71
N SER B 150 2.27 2.45 -3.39
CA SER B 150 1.32 3.40 -2.82
C SER B 150 0.23 3.73 -3.84
N GLY B 151 -1.01 3.91 -3.33
CA GLY B 151 -2.23 3.86 -4.09
C GLY B 151 -3.08 2.65 -3.72
N ASN B 152 -4.04 2.34 -4.58
CA ASN B 152 -4.86 1.13 -4.41
C ASN B 152 -4.10 -0.10 -4.85
N VAL B 153 -4.20 -1.16 -4.05
CA VAL B 153 -3.46 -2.40 -4.35
C VAL B 153 -3.88 -3.01 -5.69
N ASP B 154 -5.06 -2.66 -6.20
CA ASP B 154 -5.54 -3.21 -7.48
C ASP B 154 -5.47 -2.20 -8.61
N SER B 155 -4.69 -1.12 -8.45
CA SER B 155 -4.49 -0.22 -9.59
C SER B 155 -3.16 0.54 -9.54
N PHE B 156 -2.27 0.25 -8.59
CA PHE B 156 -1.13 1.14 -8.40
C PHE B 156 -0.23 1.17 -9.62
N TRP B 157 -0.17 0.09 -10.39
CA TRP B 157 0.71 0.03 -11.57
C TRP B 157 0.14 0.80 -12.74
N LEU B 158 -1.13 1.22 -12.67
CA LEU B 158 -1.72 2.13 -13.65
C LEU B 158 -1.85 3.57 -13.16
N ASP B 159 -1.93 3.79 -11.84
CA ASP B 159 -2.17 5.15 -11.37
C ASP B 159 -1.69 5.39 -9.94
N GLY B 160 -0.79 4.58 -9.40
CA GLY B 160 -0.19 4.84 -8.09
C GLY B 160 1.26 5.24 -8.22
N GLY B 161 2.08 4.89 -7.23
CA GLY B 161 3.44 5.37 -7.15
C GLY B 161 4.55 4.52 -7.72
N ILE B 162 4.27 3.31 -8.23
CA ILE B 162 5.34 2.44 -8.76
C ILE B 162 5.95 3.07 -10.00
N ARG B 163 7.28 3.02 -10.09
CA ARG B 163 7.99 3.53 -11.26
C ARG B 163 9.11 2.55 -11.63
N ILE B 164 9.33 2.36 -12.93
CA ILE B 164 10.42 1.51 -13.39
C ILE B 164 10.97 2.06 -14.69
N SER B 165 12.29 1.91 -14.88
CA SER B 165 12.97 2.32 -16.12
C SER B 165 13.23 1.12 -17.05
N ALA B 166 13.56 1.43 -18.30
CA ALA B 166 13.84 0.39 -19.29
C ALA B 166 15.04 -0.47 -18.90
N THR B 167 16.12 0.13 -18.41
CA THR B 167 17.22 -0.71 -17.95
C THR B 167 16.83 -1.54 -16.73
N GLU B 168 15.94 -1.00 -15.89
CA GLU B 168 15.45 -1.78 -14.76
C GLU B 168 14.55 -2.93 -15.22
N GLN B 169 13.75 -2.71 -16.27
CA GLN B 169 13.01 -3.84 -16.88
C GLN B 169 13.97 -4.94 -17.32
N ILE B 170 15.03 -4.56 -18.04
CA ILE B 170 16.00 -5.54 -18.52
C ILE B 170 16.60 -6.32 -17.36
N SER B 171 16.98 -5.61 -16.30
CA SER B 171 17.60 -6.27 -15.17
C SER B 171 16.64 -7.26 -14.51
N PHE B 172 15.35 -6.88 -14.41
CA PHE B 172 14.36 -7.82 -13.89
C PHE B 172 14.18 -9.02 -14.84
N LEU B 173 14.11 -8.79 -16.16
CA LEU B 173 13.91 -9.90 -17.10
C LEU B 173 15.09 -10.87 -17.09
N ARG B 174 16.32 -10.37 -16.97
CA ARG B 174 17.47 -11.27 -17.00
C ARG B 174 17.42 -12.24 -15.84
N LYS B 175 16.96 -11.77 -14.68
CA LYS B 175 16.75 -12.66 -13.54
C LYS B 175 15.68 -13.71 -13.84
N LEU B 176 14.54 -13.27 -14.41
CA LEU B 176 13.48 -14.21 -14.73
C LEU B 176 13.95 -15.26 -15.71
N TYR B 177 14.66 -14.83 -16.78
CA TYR B 177 15.19 -15.76 -17.75
C TYR B 177 16.04 -16.85 -17.11
N HIS B 178 16.91 -16.46 -16.16
CA HIS B 178 17.81 -17.41 -15.53
C HIS B 178 17.22 -18.11 -14.32
N ASN B 179 15.94 -17.90 -14.01
CA ASN B 179 15.27 -18.50 -12.84
C ASN B 179 15.89 -18.03 -11.52
N LYS B 180 16.40 -16.81 -11.50
CA LYS B 180 17.08 -16.26 -10.33
C LYS B 180 16.15 -15.53 -9.36
N LEU B 181 14.93 -15.16 -9.78
CA LEU B 181 14.05 -14.38 -8.92
C LEU B 181 13.65 -15.20 -7.69
N HIS B 182 13.21 -14.50 -6.65
CA HIS B 182 12.87 -15.16 -5.39
C HIS B 182 11.44 -15.68 -5.40
N VAL B 183 11.17 -16.60 -6.33
CA VAL B 183 9.97 -17.44 -6.37
C VAL B 183 10.39 -18.81 -6.88
N SER B 184 9.44 -19.75 -6.91
CA SER B 184 9.80 -21.11 -7.35
C SER B 184 10.22 -21.12 -8.83
N GLU B 185 11.04 -22.10 -9.19
CA GLU B 185 11.33 -22.32 -10.61
C GLU B 185 10.03 -22.47 -11.40
N ARG B 186 9.08 -23.24 -10.86
CA ARG B 186 7.80 -23.48 -11.53
C ARG B 186 7.07 -22.18 -11.89
N SER B 187 6.90 -21.27 -10.93
CA SER B 187 6.25 -19.99 -11.23
C SER B 187 6.94 -19.27 -12.38
N GLN B 188 8.28 -19.26 -12.38
CA GLN B 188 9.02 -18.56 -13.43
C GLN B 188 8.87 -19.26 -14.79
N ARG B 189 8.84 -20.59 -14.82
CA ARG B 189 8.62 -21.30 -16.09
C ARG B 189 7.23 -21.04 -16.65
N ILE B 190 6.20 -21.01 -15.79
CA ILE B 190 4.83 -20.73 -16.25
C ILE B 190 4.72 -19.32 -16.82
N VAL B 191 5.29 -18.32 -16.11
CA VAL B 191 5.17 -16.96 -16.62
C VAL B 191 5.95 -16.79 -17.93
N LYS B 192 7.12 -17.44 -18.06
CA LYS B 192 7.81 -17.35 -19.34
C LYS B 192 7.03 -18.04 -20.46
N GLN B 193 6.28 -19.10 -20.15
CA GLN B 193 5.40 -19.70 -21.16
C GLN B 193 4.27 -18.73 -21.54
N ALA B 194 3.63 -18.11 -20.54
CA ALA B 194 2.55 -17.17 -20.80
C ALA B 194 2.99 -15.93 -21.57
N MET B 195 4.27 -15.57 -21.48
CA MET B 195 4.81 -14.44 -22.24
C MET B 195 5.02 -14.73 -23.72
N LEU B 196 4.89 -15.99 -24.17
CA LEU B 196 5.15 -16.31 -25.57
C LEU B 196 4.34 -15.41 -26.51
N THR B 197 5.02 -14.86 -27.51
CA THR B 197 4.32 -13.91 -28.37
C THR B 197 4.44 -14.26 -29.85
N GLU B 198 5.61 -14.72 -30.28
CA GLU B 198 5.86 -15.03 -31.67
C GLU B 198 6.98 -16.04 -31.71
N ALA B 199 6.93 -16.94 -32.69
CA ALA B 199 8.00 -17.91 -32.85
C ALA B 199 7.93 -18.52 -34.25
N ASN B 200 9.08 -18.68 -34.88
CA ASN B 200 9.21 -19.37 -36.15
C ASN B 200 10.58 -20.06 -36.19
N GLY B 201 10.98 -20.49 -37.39
CA GLY B 201 12.27 -21.16 -37.54
C GLY B 201 13.46 -20.27 -37.23
N ASP B 202 13.26 -18.95 -37.24
CA ASP B 202 14.37 -18.00 -37.07
C ASP B 202 14.53 -17.49 -35.64
N TYR B 203 13.45 -17.36 -34.86
CA TYR B 203 13.58 -16.80 -33.52
C TYR B 203 12.34 -17.10 -32.68
N ILE B 204 12.46 -16.81 -31.39
CA ILE B 204 11.35 -16.81 -30.44
C ILE B 204 11.31 -15.45 -29.72
N ILE B 205 10.11 -14.90 -29.55
CA ILE B 205 9.92 -13.68 -28.77
C ILE B 205 8.96 -13.97 -27.61
N ARG B 206 9.45 -13.75 -26.39
CA ARG B 206 8.66 -13.73 -25.17
C ARG B 206 8.65 -12.30 -24.67
N ALA B 207 7.47 -11.69 -24.55
CA ALA B 207 7.40 -10.26 -24.31
C ALA B 207 6.03 -9.90 -23.74
N LYS B 208 5.88 -8.62 -23.36
CA LYS B 208 4.63 -8.13 -22.77
C LYS B 208 4.43 -6.65 -23.11
N THR B 209 3.27 -6.32 -23.68
CA THR B 209 2.97 -4.94 -24.06
C THR B 209 2.47 -4.15 -22.85
N GLY B 210 2.41 -2.82 -23.02
CA GLY B 210 1.93 -1.92 -21.98
C GLY B 210 1.45 -0.59 -22.53
N TYR B 211 0.47 -0.01 -21.86
CA TYR B 211 -0.16 1.21 -22.36
C TYR B 211 -0.63 2.05 -21.17
N SER B 212 0.15 3.07 -20.82
CA SER B 212 -0.11 3.93 -19.66
C SER B 212 -0.87 5.18 -20.13
N THR B 213 -2.13 5.29 -19.70
CA THR B 213 -2.97 6.41 -20.11
C THR B 213 -3.62 7.17 -18.96
N ARG B 214 -3.43 6.74 -17.71
CA ARG B 214 -4.12 7.39 -16.60
C ARG B 214 -3.36 8.60 -16.05
N ILE B 215 -2.04 8.59 -16.11
CA ILE B 215 -1.22 9.66 -15.58
C ILE B 215 -0.18 10.02 -16.62
N GLU B 216 -0.01 11.31 -16.88
CA GLU B 216 0.92 11.74 -17.89
C GLU B 216 2.35 11.48 -17.43
N PRO B 217 3.30 11.29 -18.38
CA PRO B 217 3.11 11.32 -19.85
C PRO B 217 2.52 10.01 -20.40
N LYS B 218 1.53 10.08 -21.30
CA LYS B 218 0.98 8.90 -21.96
C LYS B 218 2.05 8.17 -22.78
N ILE B 219 2.31 6.90 -22.46
CA ILE B 219 3.36 6.15 -23.14
C ILE B 219 2.88 4.74 -23.50
N GLY B 220 3.66 4.11 -24.40
CA GLY B 220 3.48 2.70 -24.71
C GLY B 220 4.76 1.95 -24.38
N TRP B 221 4.61 0.69 -23.98
CA TRP B 221 5.73 -0.15 -23.56
C TRP B 221 5.77 -1.43 -24.39
N TRP B 222 6.98 -1.99 -24.55
CA TRP B 222 7.16 -3.37 -24.99
C TRP B 222 8.48 -3.89 -24.43
N VAL B 223 8.40 -4.89 -23.56
CA VAL B 223 9.57 -5.47 -22.92
C VAL B 223 9.54 -6.99 -23.08
N GLY B 224 10.73 -7.59 -23.15
CA GLY B 224 10.85 -9.02 -23.28
C GLY B 224 12.23 -9.44 -23.75
N TRP B 225 12.31 -10.44 -24.62
CA TRP B 225 13.59 -10.85 -25.17
C TRP B 225 13.36 -11.70 -26.42
N VAL B 226 14.44 -11.91 -27.18
CA VAL B 226 14.49 -12.64 -28.44
C VAL B 226 15.47 -13.80 -28.24
N GLU B 227 14.96 -15.05 -28.21
CA GLU B 227 15.83 -16.22 -28.17
C GLU B 227 16.23 -16.61 -29.60
N LEU B 228 17.53 -16.77 -29.79
CA LEU B 228 18.13 -17.30 -31.01
C LEU B 228 18.78 -18.65 -30.68
N ASP B 229 19.32 -19.31 -31.71
CA ASP B 229 19.98 -20.60 -31.51
C ASP B 229 21.12 -20.50 -30.50
N ASP B 230 21.97 -19.47 -30.63
CA ASP B 230 23.20 -19.41 -29.84
C ASP B 230 23.31 -18.17 -28.94
N ASN B 231 22.23 -17.40 -28.78
CA ASN B 231 22.26 -16.16 -28.01
C ASN B 231 20.84 -15.82 -27.56
N VAL B 232 20.75 -14.87 -26.62
CA VAL B 232 19.50 -14.21 -26.23
C VAL B 232 19.73 -12.71 -26.21
N TRP B 233 18.84 -11.96 -26.86
CA TRP B 233 18.85 -10.49 -26.84
C TRP B 233 17.65 -9.99 -26.03
N PHE B 234 17.90 -9.40 -24.87
CA PHE B 234 16.83 -8.76 -24.10
C PHE B 234 16.50 -7.39 -24.65
N PHE B 235 15.24 -6.99 -24.53
CA PHE B 235 14.88 -5.65 -24.99
C PHE B 235 13.87 -4.99 -24.06
N ALA B 236 13.89 -3.66 -24.05
CA ALA B 236 12.85 -2.88 -23.38
C ALA B 236 12.77 -1.54 -24.09
N MET B 237 11.59 -1.19 -24.59
CA MET B 237 11.36 0.09 -25.22
C MET B 237 10.15 0.76 -24.57
N ASN B 238 10.13 2.09 -24.58
CA ASN B 238 8.89 2.85 -24.39
C ASN B 238 8.89 4.05 -25.34
N MET B 239 7.69 4.58 -25.60
CA MET B 239 7.53 5.67 -26.56
C MET B 239 6.31 6.47 -26.17
N ASP B 240 6.26 7.73 -26.60
CA ASP B 240 5.11 8.58 -26.30
C ASP B 240 3.92 8.14 -27.14
N MET B 241 2.73 8.13 -26.52
CA MET B 241 1.54 7.57 -27.16
C MET B 241 0.34 8.46 -26.86
N PRO B 242 0.25 9.62 -27.52
CA PRO B 242 -0.91 10.52 -27.30
C PRO B 242 -2.26 9.91 -27.64
N THR B 243 -2.35 9.05 -28.64
CA THR B 243 -3.61 8.42 -29.01
C THR B 243 -3.42 6.91 -29.09
N SER B 244 -4.55 6.19 -29.12
CA SER B 244 -4.49 4.74 -29.26
C SER B 244 -4.09 4.30 -30.67
N ASP B 245 -4.16 5.20 -31.66
CA ASP B 245 -3.97 4.83 -33.05
C ASP B 245 -2.54 4.39 -33.36
N GLY B 246 -1.56 4.82 -32.58
CA GLY B 246 -0.17 4.47 -32.84
C GLY B 246 0.36 3.27 -32.08
N LEU B 247 -0.51 2.43 -31.50
CA LEU B 247 -0.06 1.38 -30.58
C LEU B 247 0.82 0.35 -31.29
N GLY B 248 0.54 0.07 -32.56
CA GLY B 248 1.35 -0.88 -33.32
C GLY B 248 2.80 -0.47 -33.50
N LEU B 249 3.12 0.82 -33.33
CA LEU B 249 4.50 1.24 -33.51
C LEU B 249 5.42 0.66 -32.44
N ARG B 250 4.86 0.16 -31.33
CA ARG B 250 5.69 -0.48 -30.33
C ARG B 250 6.45 -1.66 -30.93
N GLN B 251 5.72 -2.57 -31.59
CA GLN B 251 6.38 -3.71 -32.21
C GLN B 251 7.14 -3.30 -33.48
N ALA B 252 6.57 -2.40 -34.29
CA ALA B 252 7.19 -2.06 -35.58
C ALA B 252 8.56 -1.43 -35.38
N ILE B 253 8.66 -0.45 -34.48
CA ILE B 253 9.94 0.22 -34.26
C ILE B 253 10.96 -0.75 -33.69
N THR B 254 10.56 -1.61 -32.75
CA THR B 254 11.49 -2.58 -32.18
C THR B 254 12.01 -3.54 -33.24
N LYS B 255 11.13 -3.97 -34.15
CA LYS B 255 11.56 -4.94 -35.15
C LYS B 255 12.54 -4.32 -36.13
N GLU B 256 12.31 -3.06 -36.53
CA GLU B 256 13.28 -2.32 -37.35
C GLU B 256 14.66 -2.32 -36.72
N VAL B 257 14.75 -1.99 -35.43
CA VAL B 257 16.04 -1.98 -34.77
C VAL B 257 16.63 -3.37 -34.73
N LEU B 258 15.77 -4.40 -34.59
CA LEU B 258 16.25 -5.77 -34.57
C LEU B 258 16.73 -6.22 -35.94
N LYS B 259 16.02 -5.83 -37.00
CA LYS B 259 16.49 -6.09 -38.36
C LYS B 259 17.82 -5.39 -38.61
N GLN B 260 17.84 -4.06 -38.47
CA GLN B 260 19.04 -3.29 -38.73
C GLN B 260 20.26 -3.85 -38.00
N GLU B 261 20.07 -4.41 -36.81
CA GLU B 261 21.19 -5.03 -36.09
C GLU B 261 21.42 -6.49 -36.50
N LYS B 262 20.67 -7.01 -37.47
CA LYS B 262 20.85 -8.39 -37.96
C LYS B 262 20.58 -9.40 -36.84
N ILE B 263 19.69 -9.07 -35.92
CA ILE B 263 19.24 -10.02 -34.90
C ILE B 263 18.10 -10.89 -35.44
N ILE B 264 17.17 -10.30 -36.17
CA ILE B 264 16.16 -11.06 -36.92
C ILE B 264 16.23 -10.63 -38.38
N PRO B 265 15.78 -11.51 -39.30
CA PRO B 265 15.61 -11.21 -40.73
C PRO B 265 14.57 -10.12 -41.02
C15 WIP C . 7.46 -0.20 11.04
C17 WIP C . 9.15 -1.49 12.24
C20 WIP C . 8.06 0.96 11.56
C21 WIP C . 4.83 0.97 12.69
C22 WIP C . 3.46 1.64 16.03
C24 WIP C . 2.82 2.57 18.26
C02 WIP C . 6.00 1.08 16.93
C03 WIP C . 5.65 0.77 15.61
C04 WIP C . 4.34 1.04 15.13
C05 WIP C . 3.94 0.80 13.74
C06 WIP C . 2.61 0.51 13.41
C07 WIP C . 2.25 0.36 12.07
C08 WIP C . 3.18 0.51 11.03
C09 WIP C . 2.71 0.31 9.61
C12 WIP C . 4.48 0.83 11.36
C14 WIP C . 6.24 -0.16 10.13
C16 WIP C . 8.03 -1.43 11.40
C18 WIP C . 9.73 -0.32 12.75
C19 WIP C . 9.17 0.90 12.40
C23 WIP C . 3.80 1.93 17.34
C27 WIP C . 5.07 1.68 17.84
O01 WIP C . 7.28 0.79 17.34
O10 WIP C . 2.52 -0.87 9.25
O11 WIP C . 2.56 1.34 8.90
O13 WIP C . 5.41 0.98 10.37
O25 WIP C . 3.36 3.24 19.15
O26 WIP C . 1.55 2.42 18.03
C BCT D . 5.33 -2.55 20.04
O1 BCT D . 4.88 -1.90 20.92
O2 BCT D . 5.03 -2.19 18.71
O3 BCT D . 6.16 -3.63 20.37
C15 WIP E . -8.45 2.85 -22.36
C17 WIP E . -8.78 3.40 -24.74
C20 WIP E . -9.62 2.08 -22.44
C21 WIP E . -6.33 0.31 -21.73
C22 WIP E . -3.62 -1.73 -23.34
C24 WIP E . -1.65 -2.78 -24.55
C02 WIP E . -5.13 -1.73 -25.60
C03 WIP E . -5.67 -1.22 -24.39
C04 WIP E . -4.90 -1.23 -23.22
C05 WIP E . -5.35 -0.69 -21.90
C06 WIP E . -4.68 -1.10 -20.74
C07 WIP E . -5.04 -0.59 -19.48
C08 WIP E . -6.04 0.37 -19.33
C09 WIP E . -6.36 0.90 -17.95
C12 WIP E . -6.68 0.84 -20.46
C14 WIP E . -7.62 2.98 -21.07
C16 WIP E . -8.05 3.50 -23.55
C18 WIP E . -9.94 2.64 -24.79
C19 WIP E . -10.35 1.99 -23.63
C23 WIP E . -3.08 -2.24 -24.51
C27 WIP E . -3.82 -2.25 -25.70
O01 WIP E . -5.92 -1.70 -26.73
O10 WIP E . -5.69 1.88 -17.55
O11 WIP E . -7.30 0.35 -17.34
O13 WIP E . -7.69 1.81 -20.30
O25 WIP E . -1.01 -2.59 -25.60
O26 WIP E . -1.21 -3.35 -23.48
C BCT F . -6.14 -5.74 -26.32
O1 BCT F . -6.10 -4.91 -25.19
O2 BCT F . -5.32 -5.66 -27.15
O3 BCT F . -7.16 -6.69 -26.45
#